data_9PFB
#
_entry.id   9PFB
#
_cell.length_a   1.00
_cell.length_b   1.00
_cell.length_c   1.00
_cell.angle_alpha   90.00
_cell.angle_beta   90.00
_cell.angle_gamma   90.00
#
_symmetry.space_group_name_H-M   'P 1'
#
loop_
_entity.id
_entity.type
_entity.pdbx_description
1 polymer 'Organic cation/carnitine transporter 2'
2 non-polymer IPRATROPIUM
3 non-polymer 'SODIUM ION'
#
_entity_poly.entity_id   1
_entity_poly.type   'polypeptide(L)'
_entity_poly.pdbx_seq_one_letter_code
;MRDYDEVTAFLGEWGPFQRLIFFLLSASIIPNGFTGLSSVFLIATPEHRCRVPDAANLSSAWRNHTVPLRLRDGREVPHS
CRRYRLATIANFSALGLEPGRDVDLGQLEQESCLDGWEFSQDVYLSTIVTEWNLVCEDDWKAPLTISLFFVGVLLGSFIS
GQLSDRFGRKNVLFVTMGMQTGFSFLQIFSKNFEMFVVLFVLVGMGQISNYVAAFVLGTEILGKSVRIIFSTLGVCIFYA
FGYMVLPLFAYFIRDWRMLLVALTMPGVLCVALWWFIPESPRWLISQGRFEEAEVIIRKAAKANGIVVPSTIFDPSELQD
LSSKKQQSHNILDLLRTWNIRMVTIMSIMLWMTISVGYFGLSLDTPNLHGDIFVNCFLSAMVEVPAYVLAWLLLQYLPRR
YSMATALFLGGSVLLFMQLVPPDLYYLATVLVMVGKFGVTAAFSMVYVYTAELYPTVVRNMGVGVSSTASRLGSILSPYF
VYLGAYDRFLPYILMGSLTILTAILTLFLPESFGTPLPDTIDQMLRVKGMKHRKTPSHTRMLKDGQERPTILKSTAFGAA
FESRLEVLFQ
;
_entity_poly.pdbx_strand_id   A
#
# COMPACT_ATOMS: atom_id res chain seq x y z
N MET A 1 7.55 -6.79 42.59
CA MET A 1 7.60 -6.79 41.10
C MET A 1 7.48 -5.38 40.55
N ARG A 2 8.08 -5.15 39.38
CA ARG A 2 8.06 -3.85 38.73
C ARG A 2 7.65 -3.97 37.28
N ASP A 3 7.76 -2.89 36.52
CA ASP A 3 7.44 -2.88 35.10
C ASP A 3 8.71 -2.65 34.28
N TYR A 4 8.74 -3.25 33.09
CA TYR A 4 9.91 -3.13 32.24
C TYR A 4 10.18 -1.68 31.85
N ASP A 5 9.13 -0.93 31.53
CA ASP A 5 9.29 0.49 31.22
C ASP A 5 9.80 1.25 32.44
N GLU A 6 9.56 0.73 33.63
CA GLU A 6 10.07 1.37 34.85
C GLU A 6 11.52 0.98 35.10
N VAL A 7 11.84 -0.31 35.08
CA VAL A 7 13.20 -0.75 35.29
C VAL A 7 14.14 -0.14 34.27
N THR A 8 13.71 -0.03 33.01
CA THR A 8 14.54 0.51 31.95
C THR A 8 14.40 2.03 31.80
N ALA A 9 13.61 2.68 32.65
CA ALA A 9 13.40 4.11 32.49
C ALA A 9 14.68 4.91 32.64
N PHE A 10 15.69 4.36 33.32
CA PHE A 10 16.93 5.11 33.55
C PHE A 10 17.70 5.39 32.26
N LEU A 11 17.40 4.69 31.16
CA LEU A 11 18.07 4.96 29.90
C LEU A 11 17.66 6.28 29.27
N GLY A 12 16.64 6.95 29.79
CA GLY A 12 16.13 8.16 29.18
C GLY A 12 15.18 7.88 28.02
N GLU A 13 14.56 8.95 27.55
CA GLU A 13 13.64 8.87 26.41
C GLU A 13 14.33 9.10 25.07
N TRP A 14 15.41 9.87 25.06
CA TRP A 14 16.09 10.25 23.82
C TRP A 14 17.58 10.27 24.05
N GLY A 15 18.33 9.82 23.05
CA GLY A 15 19.77 9.77 23.14
C GLY A 15 20.37 8.95 22.01
N PRO A 16 21.69 8.82 22.01
CA PRO A 16 22.36 8.14 20.88
C PRO A 16 21.78 6.78 20.56
N PHE A 17 21.50 5.98 21.59
CA PHE A 17 20.93 4.65 21.37
C PHE A 17 19.55 4.74 20.74
N GLN A 18 18.60 5.40 21.42
CA GLN A 18 17.24 5.44 20.90
C GLN A 18 17.18 6.19 19.59
N ARG A 19 18.05 7.18 19.40
CA ARG A 19 18.10 7.91 18.14
C ARG A 19 18.54 7.01 16.99
N LEU A 20 19.62 6.25 17.21
CA LEU A 20 20.10 5.34 16.18
C LEU A 20 19.05 4.27 15.86
N ILE A 21 18.41 3.72 16.88
CA ILE A 21 17.39 2.70 16.65
C ILE A 21 16.23 3.29 15.87
N PHE A 22 15.79 4.50 16.25
CA PHE A 22 14.65 5.12 15.60
C PHE A 22 14.93 5.36 14.12
N PHE A 23 16.09 5.95 13.80
CA PHE A 23 16.35 6.29 12.41
C PHE A 23 16.80 5.10 11.58
N LEU A 24 17.21 4.01 12.22
CA LEU A 24 17.57 2.83 11.44
C LEU A 24 16.33 1.99 11.17
N LEU A 25 15.51 1.76 12.18
CA LEU A 25 14.29 1.01 11.92
C LEU A 25 13.40 1.76 10.95
N SER A 26 13.33 3.10 11.06
CA SER A 26 12.60 3.87 10.07
C SER A 26 13.22 3.77 8.68
N ALA A 27 14.56 3.83 8.57
CA ALA A 27 15.18 3.67 7.27
C ALA A 27 14.91 2.32 6.64
N SER A 28 14.79 1.27 7.46
CA SER A 28 14.46 -0.05 6.92
C SER A 28 13.04 -0.14 6.37
N ILE A 29 12.21 0.90 6.55
CA ILE A 29 10.89 0.91 5.94
C ILE A 29 10.88 1.47 4.52
N ILE A 30 11.94 2.16 4.11
CA ILE A 30 11.97 2.76 2.77
C ILE A 30 11.74 1.73 1.66
N PRO A 31 12.42 0.58 1.64
CA PRO A 31 12.17 -0.37 0.54
C PRO A 31 10.72 -0.79 0.38
N ASN A 32 9.92 -0.67 1.44
CA ASN A 32 8.51 -1.00 1.30
C ASN A 32 7.78 0.11 0.57
N GLY A 33 8.41 1.27 0.44
CA GLY A 33 7.75 2.38 -0.21
C GLY A 33 7.64 2.12 -1.70
N PHE A 34 8.77 1.87 -2.35
CA PHE A 34 8.73 1.65 -3.78
C PHE A 34 8.39 0.21 -4.13
N THR A 35 8.51 -0.74 -3.18
CA THR A 35 8.07 -2.08 -3.48
C THR A 35 6.56 -2.22 -3.43
N GLY A 36 5.90 -1.51 -2.51
CA GLY A 36 4.46 -1.63 -2.40
C GLY A 36 3.70 -1.24 -3.66
N LEU A 37 4.04 -0.10 -4.25
CA LEU A 37 3.32 0.41 -5.42
C LEU A 37 4.18 0.44 -6.68
N SER A 38 5.03 -0.57 -6.88
CA SER A 38 5.75 -0.66 -8.14
C SER A 38 4.86 -1.15 -9.28
N SER A 39 3.69 -1.70 -8.96
CA SER A 39 2.80 -2.18 -10.00
C SER A 39 2.34 -1.06 -10.92
N VAL A 40 2.36 0.17 -10.46
CA VAL A 40 1.95 1.29 -11.28
C VAL A 40 2.83 1.41 -12.52
N PHE A 41 4.08 0.93 -12.43
CA PHE A 41 5.00 0.98 -13.55
C PHE A 41 5.38 -0.38 -14.12
N LEU A 42 5.33 -1.44 -13.31
CA LEU A 42 5.62 -2.77 -13.84
C LEU A 42 4.46 -3.33 -14.65
N ILE A 43 3.23 -2.90 -14.37
CA ILE A 43 2.04 -3.50 -14.98
C ILE A 43 1.25 -2.42 -15.70
N ALA A 44 1.94 -1.43 -16.26
CA ALA A 44 1.26 -0.35 -16.97
C ALA A 44 0.95 -0.78 -18.39
N THR A 45 -0.19 -0.31 -18.91
CA THR A 45 -0.65 -0.65 -20.25
C THR A 45 -0.35 0.48 -21.21
N PRO A 46 0.61 0.32 -22.13
CA PRO A 46 0.77 1.32 -23.19
C PRO A 46 -0.33 1.23 -24.23
N GLU A 47 -0.44 2.29 -25.03
CA GLU A 47 -1.38 2.28 -26.13
C GLU A 47 -0.95 1.26 -27.16
N HIS A 48 -1.92 0.60 -27.79
CA HIS A 48 -1.63 -0.57 -28.60
C HIS A 48 -2.69 -0.74 -29.66
N ARG A 49 -2.37 -1.53 -30.68
CA ARG A 49 -3.31 -1.80 -31.76
C ARG A 49 -2.97 -3.12 -32.41
N CYS A 50 -3.91 -3.66 -33.18
CA CYS A 50 -3.64 -4.95 -33.83
C CYS A 50 -2.44 -4.82 -34.74
N ARG A 51 -1.56 -5.81 -34.71
CA ARG A 51 -0.39 -5.84 -35.56
C ARG A 51 -0.77 -6.41 -36.92
N VAL A 52 -0.30 -5.76 -37.98
CA VAL A 52 -0.46 -6.26 -39.34
C VAL A 52 0.93 -6.65 -39.85
N PRO A 53 1.20 -7.93 -40.08
CA PRO A 53 2.55 -8.32 -40.51
C PRO A 53 2.94 -7.62 -41.80
N ASP A 54 4.22 -7.28 -41.90
CA ASP A 54 4.72 -6.59 -43.08
C ASP A 54 4.63 -7.46 -44.33
N ALA A 55 4.40 -8.76 -44.19
CA ALA A 55 4.29 -9.61 -45.36
C ALA A 55 3.09 -9.26 -46.22
N ALA A 56 2.11 -8.56 -45.66
CA ALA A 56 0.94 -8.17 -46.44
C ALA A 56 1.35 -7.17 -47.51
N ASN A 57 0.90 -7.39 -48.74
CA ASN A 57 1.24 -6.49 -49.85
C ASN A 57 0.18 -5.39 -49.93
N LEU A 58 0.21 -4.52 -48.93
CA LEU A 58 -0.76 -3.44 -48.79
C LEU A 58 -0.16 -2.13 -49.28
N SER A 59 -0.97 -1.35 -49.98
CA SER A 59 -0.54 -0.03 -50.42
C SER A 59 -0.38 0.91 -49.22
N SER A 60 0.30 2.03 -49.46
CA SER A 60 0.46 3.03 -48.41
C SER A 60 -0.90 3.51 -47.91
N ALA A 61 -1.86 3.70 -48.82
CA ALA A 61 -3.20 4.07 -48.39
C ALA A 61 -3.77 2.99 -47.47
N TRP A 62 -3.69 1.73 -47.89
CA TRP A 62 -4.29 0.69 -47.07
C TRP A 62 -3.56 0.63 -45.74
N ARG A 63 -2.23 0.76 -45.76
CA ARG A 63 -1.48 0.70 -44.52
C ARG A 63 -1.86 1.84 -43.59
N ASN A 64 -2.44 2.91 -44.15
CA ASN A 64 -2.96 3.99 -43.33
C ASN A 64 -4.36 3.74 -42.80
N HIS A 65 -5.03 2.69 -43.27
CA HIS A 65 -6.45 2.47 -43.01
C HIS A 65 -6.72 1.01 -42.65
N THR A 66 -5.80 0.39 -41.92
CA THR A 66 -5.90 -1.03 -41.64
C THR A 66 -6.66 -1.34 -40.35
N VAL A 67 -7.07 -0.32 -39.59
CA VAL A 67 -7.78 -0.55 -38.34
C VAL A 67 -8.98 0.40 -38.26
N PRO A 68 -10.13 -0.06 -37.79
CA PRO A 68 -11.25 0.87 -37.59
C PRO A 68 -10.96 1.88 -36.50
N LEU A 69 -11.48 3.08 -36.69
CA LEU A 69 -11.27 4.16 -35.73
C LEU A 69 -12.46 4.23 -34.78
N ARG A 70 -12.16 4.38 -33.48
CA ARG A 70 -13.17 4.48 -32.44
C ARG A 70 -12.90 5.75 -31.64
N LEU A 71 -13.98 6.40 -31.18
CA LEU A 71 -13.88 7.67 -30.48
C LEU A 71 -13.67 7.47 -28.97
N ARG A 72 -12.63 8.12 -28.44
CA ARG A 72 -12.36 8.18 -27.01
C ARG A 72 -12.03 9.63 -26.68
N ASP A 73 -12.49 10.11 -25.54
CA ASP A 73 -12.23 11.49 -25.12
C ASP A 73 -12.67 12.48 -26.21
N GLY A 74 -13.75 12.15 -26.91
CA GLY A 74 -14.22 12.96 -28.02
C GLY A 74 -13.31 13.00 -29.23
N ARG A 75 -12.36 12.07 -29.33
CA ARG A 75 -11.29 12.13 -30.33
C ARG A 75 -11.12 10.77 -30.97
N GLU A 76 -10.83 10.76 -32.27
CA GLU A 76 -10.62 9.52 -32.99
C GLU A 76 -9.31 8.86 -32.58
N VAL A 77 -9.35 7.54 -32.35
CA VAL A 77 -8.14 6.78 -32.06
C VAL A 77 -8.28 5.38 -32.66
N PRO A 78 -7.20 4.76 -33.11
CA PRO A 78 -7.30 3.38 -33.61
C PRO A 78 -7.90 2.44 -32.58
N HIS A 79 -8.82 1.58 -33.05
CA HIS A 79 -9.41 0.58 -32.17
C HIS A 79 -8.33 -0.39 -31.71
N SER A 80 -8.28 -0.63 -30.40
CA SER A 80 -7.15 -1.33 -29.80
C SER A 80 -7.31 -2.84 -29.75
N CYS A 81 -8.42 -3.40 -30.22
CA CYS A 81 -8.61 -4.84 -30.12
C CYS A 81 -9.20 -5.46 -31.39
N ARG A 82 -9.27 -4.71 -32.48
CA ARG A 82 -9.97 -5.20 -33.66
C ARG A 82 -9.34 -4.59 -34.91
N ARG A 83 -9.45 -5.31 -36.02
CA ARG A 83 -8.90 -4.88 -37.29
C ARG A 83 -9.76 -5.40 -38.42
N TYR A 84 -9.67 -4.74 -39.57
CA TYR A 84 -10.41 -5.20 -40.73
C TYR A 84 -9.78 -6.50 -41.23
N ARG A 85 -10.61 -7.38 -41.74
CA ARG A 85 -10.13 -8.70 -42.14
C ARG A 85 -8.96 -8.54 -43.10
N LEU A 86 -7.79 -8.98 -42.63
CA LEU A 86 -6.56 -8.73 -43.39
C LEU A 86 -6.62 -9.43 -44.75
N ALA A 87 -7.26 -10.59 -44.83
CA ALA A 87 -7.39 -11.27 -46.11
C ALA A 87 -8.25 -10.48 -47.08
N THR A 88 -9.38 -9.96 -46.61
CA THR A 88 -10.21 -9.11 -47.48
C THR A 88 -9.46 -7.84 -47.90
N ILE A 89 -8.76 -7.20 -46.97
CA ILE A 89 -7.97 -6.02 -47.30
C ILE A 89 -6.92 -6.35 -48.35
N ALA A 90 -6.19 -7.45 -48.16
CA ALA A 90 -5.16 -7.85 -49.10
C ALA A 90 -5.74 -8.14 -50.47
N ASN A 91 -6.90 -8.80 -50.52
CA ASN A 91 -7.57 -9.05 -51.80
C ASN A 91 -7.94 -7.74 -52.48
N PHE A 92 -8.51 -6.79 -51.74
CA PHE A 92 -8.84 -5.49 -52.32
C PHE A 92 -7.60 -4.78 -52.83
N SER A 93 -6.50 -4.82 -52.06
CA SER A 93 -5.28 -4.14 -52.48
C SER A 93 -4.66 -4.80 -53.70
N ALA A 94 -4.79 -6.14 -53.81
CA ALA A 94 -4.33 -6.82 -55.01
C ALA A 94 -5.18 -6.45 -56.22
N LEU A 95 -6.47 -6.22 -55.99
CA LEU A 95 -7.37 -5.83 -57.08
C LEU A 95 -7.19 -4.37 -57.49
N GLY A 96 -6.41 -3.59 -56.74
CA GLY A 96 -6.20 -2.20 -57.04
C GLY A 96 -7.18 -1.25 -56.38
N LEU A 97 -8.14 -1.76 -55.61
CA LEU A 97 -9.08 -0.89 -54.92
C LEU A 97 -8.42 -0.22 -53.72
N GLU A 98 -8.87 0.98 -53.40
CA GLU A 98 -8.30 1.76 -52.32
C GLU A 98 -9.39 2.30 -51.42
N PRO A 99 -9.08 2.55 -50.15
CA PRO A 99 -10.13 2.89 -49.19
C PRO A 99 -10.83 4.20 -49.53
N GLY A 100 -12.12 4.25 -49.26
CA GLY A 100 -12.91 5.46 -49.46
C GLY A 100 -13.20 5.72 -50.92
N ARG A 101 -12.14 5.72 -51.73
CA ARG A 101 -12.29 5.85 -53.17
C ARG A 101 -13.18 4.73 -53.72
N ASP A 102 -12.94 3.49 -53.27
CA ASP A 102 -13.64 2.33 -53.82
C ASP A 102 -14.31 1.49 -52.74
N VAL A 103 -14.00 1.70 -51.46
CA VAL A 103 -14.48 0.85 -50.38
C VAL A 103 -15.07 1.73 -49.28
N ASP A 104 -16.25 1.35 -48.81
CA ASP A 104 -16.85 1.99 -47.63
C ASP A 104 -16.29 1.28 -46.40
N LEU A 105 -15.40 1.96 -45.68
CA LEU A 105 -14.80 1.35 -44.50
C LEU A 105 -15.83 0.95 -43.46
N GLY A 106 -16.98 1.63 -43.41
CA GLY A 106 -17.96 1.38 -42.39
C GLY A 106 -18.63 0.03 -42.45
N GLN A 107 -18.45 -0.73 -43.55
CA GLN A 107 -19.11 -2.01 -43.70
C GLN A 107 -18.14 -3.16 -43.95
N LEU A 108 -16.86 -2.98 -43.64
CA LEU A 108 -15.91 -4.07 -43.77
C LEU A 108 -16.06 -5.04 -42.60
N GLU A 109 -15.64 -6.28 -42.82
CA GLU A 109 -15.61 -7.25 -41.74
C GLU A 109 -14.48 -6.92 -40.77
N GLN A 110 -14.63 -7.38 -39.53
CA GLN A 110 -13.63 -7.15 -38.50
C GLN A 110 -13.24 -8.46 -37.84
N GLU A 111 -12.00 -8.51 -37.36
CA GLU A 111 -11.49 -9.64 -36.63
C GLU A 111 -10.59 -9.13 -35.51
N SER A 112 -10.39 -9.97 -34.50
CA SER A 112 -9.43 -9.63 -33.44
C SER A 112 -8.00 -9.77 -33.97
N CYS A 113 -7.04 -9.41 -33.12
CA CYS A 113 -5.65 -9.33 -33.56
C CYS A 113 -5.06 -10.73 -33.54
N LEU A 114 -4.95 -11.35 -34.71
CA LEU A 114 -4.42 -12.70 -34.82
C LEU A 114 -2.91 -12.74 -35.01
N ASP A 115 -2.27 -11.59 -35.22
CA ASP A 115 -0.82 -11.49 -35.31
C ASP A 115 -0.21 -10.76 -34.12
N GLY A 116 -0.95 -10.68 -33.02
CA GLY A 116 -0.48 -9.97 -31.86
C GLY A 116 -0.66 -8.47 -31.99
N TRP A 117 -0.11 -7.75 -31.03
CA TRP A 117 -0.33 -6.32 -30.88
C TRP A 117 0.96 -5.54 -31.07
N GLU A 118 0.79 -4.30 -31.53
CA GLU A 118 1.85 -3.31 -31.62
C GLU A 118 1.62 -2.29 -30.51
N PHE A 119 2.40 -2.42 -29.44
CA PHE A 119 2.40 -1.49 -28.32
C PHE A 119 3.29 -0.29 -28.61
N SER A 120 2.80 0.90 -28.28
CA SER A 120 3.62 2.09 -28.47
C SER A 120 4.79 2.10 -27.49
N GLN A 121 5.87 2.76 -27.89
CA GLN A 121 7.07 2.89 -27.05
C GLN A 121 7.38 4.35 -26.76
N ASP A 122 6.35 5.20 -26.75
CA ASP A 122 6.54 6.60 -26.38
C ASP A 122 6.82 6.77 -24.90
N VAL A 123 6.32 5.88 -24.05
CA VAL A 123 6.44 6.04 -22.61
C VAL A 123 7.19 4.85 -22.01
N TYR A 124 6.66 3.65 -22.18
CA TYR A 124 7.28 2.43 -21.67
C TYR A 124 7.94 1.67 -22.80
N LEU A 125 9.17 1.24 -22.58
CA LEU A 125 9.82 0.35 -23.53
C LEU A 125 9.25 -1.06 -23.45
N SER A 126 8.87 -1.50 -22.26
CA SER A 126 8.27 -2.82 -22.10
C SER A 126 7.77 -2.97 -20.68
N THR A 127 6.69 -3.73 -20.53
CA THR A 127 6.15 -4.10 -19.23
C THR A 127 5.61 -5.52 -19.34
N ILE A 128 5.16 -6.06 -18.21
CA ILE A 128 4.64 -7.42 -18.24
C ILE A 128 3.41 -7.51 -19.13
N VAL A 129 2.63 -6.43 -19.20
CA VAL A 129 1.47 -6.41 -20.09
C VAL A 129 1.91 -6.56 -21.53
N THR A 130 3.00 -5.89 -21.92
CA THR A 130 3.54 -6.05 -23.26
C THR A 130 4.28 -7.37 -23.40
N GLU A 131 4.83 -7.89 -22.31
CA GLU A 131 5.55 -9.15 -22.37
C GLU A 131 4.61 -10.31 -22.71
N TRP A 132 3.51 -10.44 -21.97
CA TRP A 132 2.59 -11.57 -22.14
C TRP A 132 1.23 -11.15 -22.67
N ASN A 133 1.13 -9.97 -23.28
CA ASN A 133 -0.09 -9.52 -23.97
C ASN A 133 -1.32 -9.66 -23.07
N LEU A 134 -1.33 -8.89 -21.99
CA LEU A 134 -2.45 -8.88 -21.07
C LEU A 134 -3.45 -7.79 -21.47
N VAL A 135 -3.94 -7.90 -22.70
CA VAL A 135 -4.81 -6.90 -23.31
C VAL A 135 -5.97 -7.59 -23.99
N CYS A 136 -7.03 -6.82 -24.23
CA CYS A 136 -8.27 -7.31 -24.83
C CYS A 136 -8.79 -8.44 -23.95
N GLU A 137 -8.98 -9.66 -24.47
CA GLU A 137 -9.57 -10.72 -23.65
C GLU A 137 -8.70 -11.09 -22.46
N ASP A 138 -7.44 -10.68 -22.44
CA ASP A 138 -6.56 -10.95 -21.32
C ASP A 138 -6.42 -9.78 -20.36
N ASP A 139 -7.19 -8.71 -20.57
CA ASP A 139 -6.97 -7.50 -19.77
C ASP A 139 -7.27 -7.75 -18.30
N TRP A 140 -8.19 -8.66 -18.01
CA TRP A 140 -8.54 -8.92 -16.62
C TRP A 140 -7.38 -9.54 -15.86
N LYS A 141 -6.38 -10.06 -16.55
CA LYS A 141 -5.20 -10.58 -15.87
C LYS A 141 -4.35 -9.46 -15.28
N ALA A 142 -4.45 -8.23 -15.81
CA ALA A 142 -3.57 -7.17 -15.32
C ALA A 142 -3.87 -6.79 -13.88
N PRO A 143 -5.10 -6.42 -13.51
CA PRO A 143 -5.38 -6.17 -12.09
C PRO A 143 -5.37 -7.40 -11.21
N LEU A 144 -5.60 -8.58 -11.78
CA LEU A 144 -5.58 -9.80 -10.98
C LEU A 144 -4.24 -9.99 -10.30
N THR A 145 -3.16 -9.71 -11.04
CA THR A 145 -1.83 -9.86 -10.47
C THR A 145 -1.66 -8.96 -9.26
N ILE A 146 -2.21 -7.75 -9.33
CA ILE A 146 -2.08 -6.85 -8.20
C ILE A 146 -2.94 -7.34 -7.04
N SER A 147 -4.13 -7.85 -7.33
CA SER A 147 -4.93 -8.44 -6.27
C SER A 147 -4.18 -9.60 -5.63
N LEU A 148 -3.46 -10.37 -6.44
CA LEU A 148 -2.73 -11.50 -5.87
C LEU A 148 -1.58 -11.01 -5.02
N PHE A 149 -0.98 -9.89 -5.39
CA PHE A 149 0.06 -9.33 -4.54
C PHE A 149 -0.51 -8.99 -3.17
N PHE A 150 -1.68 -8.35 -3.14
CA PHE A 150 -2.28 -8.04 -1.85
C PHE A 150 -2.80 -9.28 -1.16
N VAL A 151 -3.11 -10.33 -1.91
CA VAL A 151 -3.44 -11.60 -1.26
C VAL A 151 -2.24 -12.11 -0.49
N GLY A 152 -1.06 -12.04 -1.10
CA GLY A 152 0.12 -12.43 -0.37
C GLY A 152 0.33 -11.59 0.88
N VAL A 153 0.07 -10.29 0.77
CA VAL A 153 0.19 -9.43 1.94
C VAL A 153 -0.77 -9.88 3.03
N LEU A 154 -1.97 -10.28 2.65
CA LEU A 154 -2.90 -10.78 3.65
C LEU A 154 -2.30 -11.98 4.38
N LEU A 155 -1.82 -12.96 3.63
CA LEU A 155 -1.30 -14.15 4.29
C LEU A 155 -0.09 -13.80 5.16
N GLY A 156 0.76 -12.89 4.68
CA GLY A 156 1.92 -12.53 5.48
C GLY A 156 1.53 -11.92 6.82
N SER A 157 0.42 -11.16 6.82
CA SER A 157 -0.02 -10.57 8.07
C SER A 157 -0.28 -11.61 9.13
N PHE A 158 -0.91 -12.73 8.75
CA PHE A 158 -1.10 -13.78 9.74
C PHE A 158 0.22 -14.40 10.17
N ILE A 159 1.08 -14.74 9.21
CA ILE A 159 2.21 -15.59 9.54
C ILE A 159 3.28 -14.83 10.32
N SER A 160 3.56 -13.59 9.91
CA SER A 160 4.69 -12.87 10.49
C SER A 160 4.51 -12.66 11.98
N GLY A 161 3.29 -12.54 12.44
CA GLY A 161 3.08 -12.41 13.86
C GLY A 161 3.58 -13.62 14.61
N GLN A 162 3.03 -14.79 14.29
CA GLN A 162 3.41 -15.99 15.03
C GLN A 162 4.90 -16.28 14.92
N LEU A 163 5.47 -16.10 13.73
CA LEU A 163 6.89 -16.34 13.56
C LEU A 163 7.68 -15.44 14.49
N SER A 164 7.33 -14.15 14.51
CA SER A 164 8.09 -13.23 15.35
C SER A 164 7.91 -13.60 16.81
N ASP A 165 6.72 -14.02 17.21
CA ASP A 165 6.56 -14.42 18.60
C ASP A 165 7.47 -15.59 18.92
N ARG A 166 7.55 -16.60 18.04
CA ARG A 166 8.26 -17.82 18.39
C ARG A 166 9.76 -17.77 18.14
N PHE A 167 10.23 -16.96 17.19
CA PHE A 167 11.65 -16.93 16.85
C PHE A 167 12.28 -15.55 16.97
N GLY A 168 11.57 -14.55 17.48
CA GLY A 168 12.16 -13.26 17.75
C GLY A 168 11.81 -12.25 16.68
N ARG A 169 12.20 -11.01 16.94
CA ARG A 169 11.86 -9.90 16.05
C ARG A 169 12.94 -9.64 15.02
N LYS A 170 14.21 -9.63 15.44
CA LYS A 170 15.30 -9.36 14.51
C LYS A 170 15.46 -10.48 13.50
N ASN A 171 15.37 -11.74 13.95
CA ASN A 171 15.52 -12.86 13.03
C ASN A 171 14.44 -12.85 11.95
N VAL A 172 13.18 -12.74 12.35
CA VAL A 172 12.11 -12.65 11.37
C VAL A 172 12.29 -11.44 10.48
N LEU A 173 12.62 -10.30 11.07
CA LEU A 173 12.81 -9.08 10.29
C LEU A 173 13.78 -9.32 9.15
N PHE A 174 14.99 -9.77 9.47
CA PHE A 174 16.02 -9.85 8.43
C PHE A 174 15.79 -11.02 7.48
N VAL A 175 15.29 -12.14 7.99
CA VAL A 175 14.95 -13.25 7.11
C VAL A 175 13.93 -12.83 6.07
N THR A 176 12.87 -12.13 6.48
CA THR A 176 11.84 -11.75 5.54
C THR A 176 12.26 -10.60 4.64
N MET A 177 13.13 -9.71 5.14
CA MET A 177 13.74 -8.73 4.26
C MET A 177 14.50 -9.41 3.12
N GLY A 178 15.32 -10.41 3.46
CA GLY A 178 16.07 -11.10 2.45
C GLY A 178 15.18 -11.89 1.52
N MET A 179 14.12 -12.50 2.06
CA MET A 179 13.15 -13.21 1.23
C MET A 179 12.50 -12.28 0.21
N GLN A 180 12.02 -11.13 0.67
CA GLN A 180 11.42 -10.15 -0.23
C GLN A 180 12.39 -9.75 -1.32
N THR A 181 13.65 -9.49 -0.95
CA THR A 181 14.61 -9.01 -1.95
C THR A 181 14.96 -10.11 -2.93
N GLY A 182 15.11 -11.34 -2.44
CA GLY A 182 15.45 -12.44 -3.31
C GLY A 182 14.34 -12.76 -4.31
N PHE A 183 13.10 -12.80 -3.85
CA PHE A 183 12.02 -13.09 -4.78
C PHE A 183 11.77 -11.93 -5.74
N SER A 184 12.01 -10.69 -5.29
CA SER A 184 11.96 -9.57 -6.22
C SER A 184 13.01 -9.73 -7.29
N PHE A 185 14.18 -10.25 -6.93
CA PHE A 185 15.23 -10.40 -7.92
C PHE A 185 14.89 -11.55 -8.86
N LEU A 186 14.41 -12.65 -8.30
CA LEU A 186 14.09 -13.82 -9.11
C LEU A 186 13.05 -13.49 -10.16
N GLN A 187 12.13 -12.55 -9.87
CA GLN A 187 11.08 -12.26 -10.83
C GLN A 187 11.64 -11.83 -12.18
N ILE A 188 12.86 -11.31 -12.22
CA ILE A 188 13.49 -10.93 -13.48
C ILE A 188 13.59 -12.12 -14.43
N PHE A 189 13.73 -13.33 -13.89
CA PHE A 189 13.93 -14.51 -14.72
C PHE A 189 12.66 -15.32 -14.94
N SER A 190 11.49 -14.70 -14.79
CA SER A 190 10.23 -15.41 -15.00
C SER A 190 10.08 -15.78 -16.47
N LYS A 191 10.00 -17.07 -16.76
CA LYS A 191 9.81 -17.52 -18.13
C LYS A 191 8.43 -17.14 -18.66
N ASN A 192 7.40 -17.25 -17.82
CA ASN A 192 6.02 -17.03 -18.24
C ASN A 192 5.26 -16.30 -17.14
N PHE A 193 3.97 -16.10 -17.38
CA PHE A 193 3.15 -15.28 -16.49
C PHE A 193 2.98 -15.93 -15.12
N GLU A 194 2.78 -17.24 -15.08
CA GLU A 194 2.45 -17.89 -13.81
C GLU A 194 3.59 -17.80 -12.79
N MET A 195 4.82 -18.00 -13.25
CA MET A 195 5.96 -17.85 -12.35
C MET A 195 6.05 -16.42 -11.82
N PHE A 196 5.81 -15.43 -12.68
CA PHE A 196 5.81 -14.05 -12.22
C PHE A 196 4.74 -13.84 -11.16
N VAL A 197 3.53 -14.33 -11.41
CA VAL A 197 2.45 -14.13 -10.44
C VAL A 197 2.81 -14.73 -9.09
N VAL A 198 3.26 -15.99 -9.08
CA VAL A 198 3.53 -16.64 -7.80
C VAL A 198 4.68 -15.94 -7.07
N LEU A 199 5.71 -15.51 -7.82
CA LEU A 199 6.80 -14.80 -7.19
C LEU A 199 6.33 -13.46 -6.65
N PHE A 200 5.36 -12.83 -7.30
CA PHE A 200 4.85 -11.54 -6.82
C PHE A 200 4.05 -11.74 -5.54
N VAL A 201 3.30 -12.84 -5.47
CA VAL A 201 2.61 -13.19 -4.23
C VAL A 201 3.61 -13.33 -3.09
N LEU A 202 4.69 -14.07 -3.32
CA LEU A 202 5.68 -14.27 -2.26
C LEU A 202 6.38 -12.97 -1.91
N VAL A 203 6.59 -12.10 -2.90
CA VAL A 203 7.22 -10.80 -2.62
C VAL A 203 6.34 -9.96 -1.72
N GLY A 204 5.03 -9.95 -1.99
CA GLY A 204 4.14 -9.21 -1.12
C GLY A 204 4.09 -9.78 0.28
N MET A 205 4.09 -11.11 0.39
CA MET A 205 4.11 -11.74 1.70
C MET A 205 5.33 -11.28 2.49
N GLY A 206 6.51 -11.35 1.87
CA GLY A 206 7.71 -10.91 2.57
C GLY A 206 7.67 -9.44 2.93
N GLN A 207 7.14 -8.61 2.03
CA GLN A 207 7.08 -7.17 2.27
C GLN A 207 6.27 -6.87 3.51
N ILE A 208 5.05 -7.41 3.58
CA ILE A 208 4.22 -7.18 4.77
C ILE A 208 4.93 -7.73 6.00
N SER A 209 5.53 -8.92 5.90
CA SER A 209 6.07 -9.55 7.09
C SER A 209 7.20 -8.72 7.68
N ASN A 210 8.04 -8.14 6.82
CA ASN A 210 9.18 -7.41 7.37
C ASN A 210 8.79 -6.01 7.80
N TYR A 211 7.80 -5.40 7.14
CA TYR A 211 7.21 -4.17 7.69
C TYR A 211 6.73 -4.41 9.12
N VAL A 212 5.92 -5.46 9.31
CA VAL A 212 5.36 -5.73 10.63
C VAL A 212 6.45 -5.97 11.66
N ALA A 213 7.46 -6.78 11.30
CA ALA A 213 8.52 -7.08 12.25
C ALA A 213 9.31 -5.82 12.63
N ALA A 214 9.59 -4.96 11.66
CA ALA A 214 10.26 -3.70 11.99
C ALA A 214 9.41 -2.86 12.93
N PHE A 215 8.10 -2.77 12.64
CA PHE A 215 7.23 -1.95 13.47
C PHE A 215 7.20 -2.45 14.91
N VAL A 216 7.05 -3.76 15.09
CA VAL A 216 6.97 -4.32 16.43
C VAL A 216 8.29 -4.16 17.17
N LEU A 217 9.41 -4.40 16.49
CA LEU A 217 10.70 -4.24 17.15
C LEU A 217 10.93 -2.80 17.59
N GLY A 218 10.58 -1.84 16.73
CA GLY A 218 10.74 -0.45 17.11
C GLY A 218 9.84 -0.03 18.27
N THR A 219 8.57 -0.43 18.22
CA THR A 219 7.67 -0.09 19.32
C THR A 219 7.98 -0.87 20.59
N GLU A 220 8.84 -1.89 20.54
CA GLU A 220 9.28 -2.55 21.76
C GLU A 220 10.58 -2.01 22.31
N ILE A 221 11.49 -1.52 21.47
CA ILE A 221 12.74 -0.96 22.00
C ILE A 221 12.55 0.47 22.51
N LEU A 222 11.76 1.28 21.81
CA LEU A 222 11.71 2.70 22.13
C LEU A 222 10.90 2.95 23.40
N GLY A 223 11.11 4.14 23.97
CA GLY A 223 10.50 4.51 25.23
C GLY A 223 9.06 4.96 25.06
N LYS A 224 8.43 5.23 26.22
CA LYS A 224 7.00 5.48 26.25
C LYS A 224 6.62 6.68 25.37
N SER A 225 7.33 7.79 25.52
CA SER A 225 6.98 9.00 24.77
C SER A 225 7.37 8.91 23.30
N VAL A 226 8.57 8.42 23.00
CA VAL A 226 9.01 8.31 21.62
C VAL A 226 8.32 7.18 20.88
N ARG A 227 7.76 6.21 21.60
CA ARG A 227 7.01 5.13 20.96
C ARG A 227 5.89 5.66 20.07
N ILE A 228 5.09 6.59 20.58
CA ILE A 228 4.01 7.16 19.79
C ILE A 228 4.53 7.86 18.55
N ILE A 229 5.61 8.64 18.71
CA ILE A 229 6.14 9.40 17.58
C ILE A 229 6.64 8.44 16.52
N PHE A 230 7.36 7.39 16.93
CA PHE A 230 7.84 6.40 15.98
C PHE A 230 6.67 5.75 15.24
N SER A 231 5.67 5.31 15.99
CA SER A 231 4.55 4.60 15.36
C SER A 231 3.81 5.50 14.38
N THR A 232 3.70 6.78 14.69
CA THR A 232 2.81 7.68 13.94
C THR A 232 3.52 8.37 12.78
N LEU A 233 4.62 9.06 13.07
CA LEU A 233 5.40 9.72 12.03
C LEU A 233 6.60 8.92 11.54
N GLY A 234 7.26 8.16 12.43
CA GLY A 234 8.56 7.61 12.09
C GLY A 234 8.56 6.71 10.87
N VAL A 235 7.60 5.79 10.81
CA VAL A 235 7.54 4.85 9.69
C VAL A 235 6.72 5.37 8.52
N CYS A 236 5.68 6.16 8.80
CA CYS A 236 4.83 6.68 7.73
C CYS A 236 5.62 7.59 6.79
N ILE A 237 6.39 8.52 7.34
CA ILE A 237 7.11 9.47 6.50
C ILE A 237 8.19 8.78 5.68
N PHE A 238 8.90 7.80 6.25
CA PHE A 238 9.91 7.11 5.46
C PHE A 238 9.30 6.17 4.41
N TYR A 239 8.10 5.65 4.68
CA TYR A 239 7.37 4.96 3.63
C TYR A 239 7.01 5.93 2.51
N ALA A 240 6.59 7.14 2.87
CA ALA A 240 6.30 8.16 1.87
C ALA A 240 7.54 8.49 1.05
N PHE A 241 8.70 8.59 1.70
CA PHE A 241 9.93 8.85 0.95
C PHE A 241 10.23 7.74 -0.05
N GLY A 242 10.06 6.48 0.36
CA GLY A 242 10.22 5.38 -0.58
C GLY A 242 9.28 5.50 -1.76
N TYR A 243 8.01 5.78 -1.49
CA TYR A 243 7.06 5.90 -2.58
C TYR A 243 7.45 7.08 -3.48
N MET A 244 7.89 8.18 -2.87
CA MET A 244 8.19 9.36 -3.66
C MET A 244 9.36 9.11 -4.57
N VAL A 245 10.28 8.23 -4.15
CA VAL A 245 11.46 7.98 -4.98
C VAL A 245 11.19 6.91 -6.01
N LEU A 246 10.09 6.17 -5.89
CA LEU A 246 9.74 5.22 -6.95
C LEU A 246 9.65 5.85 -8.34
N PRO A 247 8.86 6.91 -8.55
CA PRO A 247 8.83 7.54 -9.88
C PRO A 247 10.13 8.17 -10.32
N LEU A 248 10.99 8.59 -9.40
CA LEU A 248 12.31 9.09 -9.79
C LEU A 248 13.09 8.02 -10.53
N PHE A 249 13.06 6.78 -10.02
CA PHE A 249 13.69 5.68 -10.73
C PHE A 249 12.95 5.39 -12.03
N ALA A 250 11.62 5.25 -11.96
CA ALA A 250 10.87 4.83 -13.14
C ALA A 250 11.02 5.80 -14.30
N TYR A 251 11.35 7.07 -14.00
CA TYR A 251 11.53 8.05 -15.07
C TYR A 251 12.73 7.71 -15.94
N PHE A 252 13.87 7.39 -15.34
CA PHE A 252 15.05 7.04 -16.11
C PHE A 252 15.03 5.61 -16.63
N ILE A 253 14.48 4.68 -15.86
CA ILE A 253 14.46 3.26 -16.22
C ILE A 253 13.04 2.92 -16.66
N ARG A 254 12.90 2.49 -17.91
CA ARG A 254 11.59 2.25 -18.50
C ARG A 254 11.44 0.81 -19.01
N ASP A 255 12.28 -0.10 -18.54
CA ASP A 255 12.16 -1.52 -18.82
C ASP A 255 11.90 -2.23 -17.51
N TRP A 256 10.87 -3.09 -17.49
CA TRP A 256 10.43 -3.66 -16.22
C TRP A 256 11.50 -4.50 -15.55
N ARG A 257 12.36 -5.16 -16.31
CA ARG A 257 13.43 -5.95 -15.68
C ARG A 257 14.50 -5.05 -15.05
N MET A 258 14.93 -4.01 -15.77
CA MET A 258 15.89 -3.08 -15.19
C MET A 258 15.29 -2.31 -14.03
N LEU A 259 13.98 -2.05 -14.08
CA LEU A 259 13.33 -1.40 -12.95
C LEU A 259 13.27 -2.33 -11.74
N LEU A 260 13.04 -3.63 -11.97
CA LEU A 260 13.10 -4.57 -10.86
C LEU A 260 14.50 -4.66 -10.28
N VAL A 261 15.53 -4.60 -11.13
CA VAL A 261 16.90 -4.56 -10.62
C VAL A 261 17.12 -3.32 -9.73
N ALA A 262 16.69 -2.16 -10.22
CA ALA A 262 16.90 -0.93 -9.47
C ALA A 262 16.16 -0.95 -8.14
N LEU A 263 14.91 -1.43 -8.13
CA LEU A 263 14.18 -1.52 -6.89
C LEU A 263 14.68 -2.63 -5.99
N THR A 264 15.34 -3.65 -6.55
CA THR A 264 15.93 -4.71 -5.74
C THR A 264 17.19 -4.24 -5.02
N MET A 265 17.96 -3.34 -5.62
CA MET A 265 19.26 -3.02 -5.04
C MET A 265 19.17 -2.43 -3.64
N PRO A 266 18.29 -1.48 -3.35
CA PRO A 266 18.22 -0.97 -1.97
C PRO A 266 17.94 -2.06 -0.95
N GLY A 267 17.15 -3.07 -1.31
CA GLY A 267 16.91 -4.14 -0.37
C GLY A 267 18.21 -4.81 0.03
N VAL A 268 19.10 -5.01 -0.94
CA VAL A 268 20.39 -5.61 -0.62
C VAL A 268 21.20 -4.66 0.23
N LEU A 269 21.00 -3.35 0.02
CA LEU A 269 21.76 -2.37 0.77
C LEU A 269 21.36 -2.37 2.25
N CYS A 270 20.09 -2.68 2.53
CA CYS A 270 19.58 -2.69 3.90
C CYS A 270 20.16 -3.80 4.76
N VAL A 271 20.83 -4.79 4.18
CA VAL A 271 21.34 -5.90 4.97
C VAL A 271 22.47 -5.47 5.90
N ALA A 272 23.09 -4.30 5.67
CA ALA A 272 24.12 -3.86 6.59
C ALA A 272 23.60 -3.56 7.99
N LEU A 273 22.28 -3.44 8.17
CA LEU A 273 21.73 -3.09 9.48
C LEU A 273 21.86 -4.21 10.50
N TRP A 274 22.29 -5.40 10.09
CA TRP A 274 22.34 -6.52 11.03
C TRP A 274 23.24 -6.23 12.22
N TRP A 275 24.33 -5.49 12.02
CA TRP A 275 25.28 -5.21 13.07
C TRP A 275 24.90 -4.01 13.94
N PHE A 276 23.72 -3.41 13.74
CA PHE A 276 23.37 -2.20 14.44
C PHE A 276 22.04 -2.26 15.18
N ILE A 277 21.15 -3.18 14.82
CA ILE A 277 19.84 -3.31 15.48
C ILE A 277 19.94 -4.48 16.45
N PRO A 278 19.68 -4.28 17.74
CA PRO A 278 19.67 -5.41 18.67
C PRO A 278 18.28 -6.02 18.80
N GLU A 279 18.26 -7.26 19.26
CA GLU A 279 17.00 -7.93 19.55
C GLU A 279 16.27 -7.22 20.67
N SER A 280 14.94 -7.26 20.60
CA SER A 280 14.13 -6.57 21.61
C SER A 280 14.39 -7.16 22.99
N PRO A 281 14.91 -6.40 23.94
CA PRO A 281 15.11 -6.97 25.29
C PRO A 281 13.83 -7.45 25.92
N ARG A 282 12.71 -6.77 25.68
CA ARG A 282 11.44 -7.20 26.25
C ARG A 282 11.05 -8.60 25.78
N TRP A 283 11.27 -8.90 24.50
CA TRP A 283 10.99 -10.24 24.01
C TRP A 283 11.92 -11.26 24.66
N LEU A 284 13.22 -10.97 24.70
CA LEU A 284 14.16 -11.90 25.31
C LEU A 284 13.79 -12.18 26.76
N ILE A 285 13.30 -11.17 27.47
CA ILE A 285 12.78 -11.39 28.82
C ILE A 285 11.55 -12.27 28.80
N SER A 286 10.72 -12.11 27.77
CA SER A 286 9.52 -12.94 27.65
C SER A 286 9.90 -14.42 27.48
N GLN A 287 10.96 -14.69 26.73
CA GLN A 287 11.39 -16.06 26.53
C GLN A 287 12.21 -16.56 27.71
N GLY A 288 12.64 -15.66 28.60
CA GLY A 288 13.42 -16.06 29.74
C GLY A 288 14.92 -16.02 29.52
N ARG A 289 15.36 -15.40 28.42
CA ARG A 289 16.78 -15.29 28.12
C ARG A 289 17.30 -13.99 28.74
N PHE A 290 17.52 -14.04 30.05
CA PHE A 290 17.77 -12.81 30.81
C PHE A 290 19.19 -12.29 30.63
N GLU A 291 20.15 -13.18 30.37
CA GLU A 291 21.53 -12.73 30.16
C GLU A 291 21.65 -11.84 28.91
N GLU A 292 20.96 -12.19 27.83
CA GLU A 292 21.04 -11.39 26.62
C GLU A 292 20.36 -10.04 26.81
N ALA A 293 19.22 -10.00 27.48
CA ALA A 293 18.59 -8.72 27.80
C ALA A 293 19.50 -7.86 28.67
N GLU A 294 20.14 -8.47 29.68
CA GLU A 294 21.07 -7.71 30.50
C GLU A 294 22.22 -7.14 29.68
N VAL A 295 22.78 -7.95 28.78
CA VAL A 295 23.87 -7.47 27.94
C VAL A 295 23.42 -6.30 27.08
N ILE A 296 22.22 -6.41 26.48
CA ILE A 296 21.75 -5.36 25.58
C ILE A 296 21.47 -4.08 26.36
N ILE A 297 20.87 -4.20 27.55
CA ILE A 297 20.60 -3.03 28.36
C ILE A 297 21.90 -2.35 28.78
N ARG A 298 22.90 -3.13 29.19
CA ARG A 298 24.17 -2.52 29.58
C ARG A 298 24.87 -1.86 28.41
N LYS A 299 24.78 -2.47 27.21
CA LYS A 299 25.36 -1.84 26.04
C LYS A 299 24.66 -0.54 25.67
N ALA A 300 23.33 -0.51 25.76
CA ALA A 300 22.61 0.75 25.55
C ALA A 300 23.01 1.80 26.57
N ALA A 301 23.09 1.41 27.85
CA ALA A 301 23.52 2.36 28.88
C ALA A 301 24.91 2.91 28.57
N LYS A 302 25.82 2.06 28.13
CA LYS A 302 27.16 2.53 27.79
C LYS A 302 27.11 3.47 26.59
N ALA A 303 26.23 3.19 25.63
CA ALA A 303 26.15 4.05 24.45
C ALA A 303 25.62 5.43 24.81
N ASN A 304 24.62 5.49 25.70
CA ASN A 304 24.13 6.78 26.19
C ASN A 304 25.05 7.40 27.23
N GLY A 305 26.09 6.70 27.65
CA GLY A 305 27.03 7.28 28.61
C GLY A 305 26.54 7.31 30.04
N ILE A 306 25.54 6.51 30.38
CA ILE A 306 24.95 6.52 31.71
C ILE A 306 25.65 5.46 32.56
N VAL A 307 26.10 5.86 33.75
CA VAL A 307 26.64 4.90 34.70
C VAL A 307 25.50 4.05 35.26
N VAL A 308 25.69 2.74 35.27
CA VAL A 308 24.61 1.82 35.61
C VAL A 308 25.10 0.87 36.71
N PRO A 309 25.32 1.36 37.93
CA PRO A 309 25.72 0.50 39.03
C PRO A 309 24.52 -0.25 39.59
N SER A 310 24.80 -1.11 40.58
CA SER A 310 23.74 -1.91 41.18
C SER A 310 22.65 -1.05 41.81
N THR A 311 23.01 0.16 42.25
CA THR A 311 22.02 1.01 42.90
C THR A 311 20.94 1.48 41.95
N ILE A 312 21.23 1.55 40.65
CA ILE A 312 20.26 2.03 39.66
C ILE A 312 19.71 0.90 38.80
N PHE A 313 20.38 -0.25 38.75
CA PHE A 313 19.86 -1.38 38.00
C PHE A 313 20.52 -2.65 38.53
N ASP A 314 19.72 -3.71 38.67
CA ASP A 314 20.20 -5.00 39.12
C ASP A 314 19.44 -6.10 38.40
N PRO A 315 20.10 -7.17 37.99
CA PRO A 315 19.38 -8.25 37.31
C PRO A 315 18.39 -8.98 38.20
N SER A 316 18.53 -8.89 39.51
CA SER A 316 17.60 -9.59 40.40
C SER A 316 16.19 -9.08 40.20
N GLU A 317 16.03 -7.75 40.09
CA GLU A 317 14.73 -7.21 39.71
C GLU A 317 14.36 -7.58 38.28
N LEU A 318 15.37 -7.73 37.41
CA LEU A 318 15.09 -8.09 36.03
C LEU A 318 14.45 -9.47 35.94
N GLN A 319 14.80 -10.36 36.88
CA GLN A 319 14.28 -11.71 36.89
C GLN A 319 12.95 -11.83 37.62
N ASP A 320 12.41 -10.74 38.14
CA ASP A 320 11.15 -10.74 38.87
C ASP A 320 10.26 -9.62 38.35
N LEU A 321 10.19 -9.51 37.04
CA LEU A 321 9.34 -8.52 36.39
C LEU A 321 7.89 -8.96 36.38
N SER A 322 7.00 -7.97 36.37
CA SER A 322 5.57 -8.23 36.28
C SER A 322 5.18 -8.56 34.85
N SER A 323 4.09 -9.32 34.72
CA SER A 323 3.52 -9.69 33.44
C SER A 323 2.07 -9.24 33.44
N LYS A 324 1.65 -8.58 32.37
CA LYS A 324 0.27 -8.13 32.29
C LYS A 324 -0.66 -9.31 32.09
N LYS A 325 -1.89 -9.16 32.55
CA LYS A 325 -2.87 -10.23 32.39
C LYS A 325 -2.96 -10.56 30.90
N GLN A 326 -3.08 -11.84 30.56
CA GLN A 326 -3.18 -12.22 29.16
C GLN A 326 -4.51 -11.75 28.60
N GLN A 327 -4.50 -11.28 27.36
CA GLN A 327 -5.71 -10.79 26.71
C GLN A 327 -6.47 -11.94 26.08
N SER A 328 -7.80 -11.81 26.05
CA SER A 328 -8.64 -12.83 25.46
C SER A 328 -8.23 -13.08 24.01
N HIS A 329 -8.28 -14.35 23.61
CA HIS A 329 -8.06 -14.74 22.22
C HIS A 329 -9.30 -15.18 21.48
N ASN A 330 -10.35 -15.65 22.17
CA ASN A 330 -11.55 -16.09 21.47
C ASN A 330 -12.27 -14.90 20.87
N ILE A 331 -12.50 -14.95 19.56
CA ILE A 331 -13.19 -13.86 18.87
C ILE A 331 -14.62 -13.67 19.34
N LEU A 332 -15.20 -14.66 20.01
CA LEU A 332 -16.60 -14.56 20.43
C LEU A 332 -16.81 -13.36 21.33
N ASP A 333 -15.77 -12.94 22.06
CA ASP A 333 -15.91 -11.78 22.94
C ASP A 333 -16.32 -10.55 22.16
N LEU A 334 -15.79 -10.39 20.95
CA LEU A 334 -16.10 -9.21 20.16
C LEU A 334 -17.54 -9.21 19.67
N LEU A 335 -18.25 -10.34 19.75
CA LEU A 335 -19.62 -10.40 19.26
C LEU A 335 -20.64 -10.69 20.36
N ARG A 336 -20.22 -10.86 21.60
CA ARG A 336 -21.15 -11.33 22.62
C ARG A 336 -22.12 -10.24 23.06
N THR A 337 -21.68 -8.99 23.12
CA THR A 337 -22.51 -7.91 23.62
C THR A 337 -22.85 -6.97 22.48
N TRP A 338 -24.06 -6.39 22.54
CA TRP A 338 -24.56 -5.57 21.45
C TRP A 338 -23.63 -4.40 21.15
N ASN A 339 -23.17 -3.71 22.19
CA ASN A 339 -22.39 -2.48 21.97
C ASN A 339 -21.07 -2.79 21.27
N ILE A 340 -20.30 -3.73 21.80
CA ILE A 340 -19.02 -4.07 21.19
C ILE A 340 -19.24 -4.69 19.82
N ARG A 341 -20.34 -5.42 19.65
CA ARG A 341 -20.67 -5.96 18.34
C ARG A 341 -20.80 -4.84 17.32
N MET A 342 -21.64 -3.84 17.61
CA MET A 342 -21.83 -2.73 16.70
C MET A 342 -20.54 -1.98 16.46
N VAL A 343 -19.73 -1.78 17.51
CA VAL A 343 -18.50 -1.03 17.35
C VAL A 343 -17.56 -1.79 16.43
N THR A 344 -17.55 -3.11 16.54
CA THR A 344 -16.66 -3.91 15.71
C THR A 344 -17.09 -3.88 14.25
N ILE A 345 -18.40 -4.00 14.01
CA ILE A 345 -18.89 -3.94 12.63
C ILE A 345 -18.56 -2.58 12.00
N MET A 346 -18.82 -1.49 12.73
CA MET A 346 -18.50 -0.17 12.17
C MET A 346 -17.01 -0.02 11.91
N SER A 347 -16.17 -0.55 12.81
CA SER A 347 -14.74 -0.41 12.60
C SER A 347 -14.27 -1.23 11.40
N ILE A 348 -14.83 -2.42 11.22
CA ILE A 348 -14.54 -3.20 10.03
C ILE A 348 -14.87 -2.40 8.78
N MET A 349 -16.08 -1.83 8.72
CA MET A 349 -16.48 -1.14 7.50
C MET A 349 -15.64 0.11 7.27
N LEU A 350 -15.31 0.83 8.36
CA LEU A 350 -14.51 2.03 8.24
C LEU A 350 -13.11 1.73 7.73
N TRP A 351 -12.46 0.71 8.29
CA TRP A 351 -11.11 0.38 7.84
C TRP A 351 -11.11 -0.14 6.42
N MET A 352 -12.06 -1.00 6.06
CA MET A 352 -12.12 -1.52 4.70
C MET A 352 -12.33 -0.40 3.70
N THR A 353 -13.23 0.54 3.99
CA THR A 353 -13.49 1.60 3.02
C THR A 353 -12.33 2.57 2.91
N ILE A 354 -11.69 2.91 4.03
CA ILE A 354 -10.52 3.78 3.96
C ILE A 354 -9.40 3.12 3.16
N SER A 355 -9.23 1.81 3.33
CA SER A 355 -8.20 1.11 2.57
C SER A 355 -8.52 1.05 1.09
N VAL A 356 -9.78 0.78 0.74
CA VAL A 356 -10.17 0.75 -0.66
C VAL A 356 -9.91 2.12 -1.29
N GLY A 357 -10.29 3.19 -0.59
CA GLY A 357 -10.08 4.52 -1.15
C GLY A 357 -8.61 4.83 -1.35
N TYR A 358 -7.81 4.54 -0.32
CA TYR A 358 -6.39 4.88 -0.37
C TYR A 358 -5.68 4.14 -1.50
N PHE A 359 -5.92 2.84 -1.61
CA PHE A 359 -5.19 2.08 -2.62
C PHE A 359 -5.76 2.29 -4.01
N GLY A 360 -7.07 2.49 -4.14
CA GLY A 360 -7.61 2.86 -5.44
C GLY A 360 -7.00 4.15 -5.97
N LEU A 361 -6.96 5.18 -5.12
CA LEU A 361 -6.36 6.44 -5.56
C LEU A 361 -4.89 6.26 -5.87
N SER A 362 -4.16 5.48 -5.05
CA SER A 362 -2.75 5.28 -5.33
C SER A 362 -2.55 4.60 -6.68
N LEU A 363 -3.35 3.56 -6.97
CA LEU A 363 -3.16 2.77 -8.17
C LEU A 363 -3.76 3.41 -9.42
N ASP A 364 -4.53 4.47 -9.27
CA ASP A 364 -5.22 5.07 -10.41
C ASP A 364 -4.42 6.21 -11.04
N THR A 365 -3.25 6.53 -10.47
CA THR A 365 -2.48 7.68 -10.96
C THR A 365 -2.15 7.62 -12.46
N PRO A 366 -1.76 6.48 -13.03
CA PRO A 366 -1.45 6.50 -14.48
C PRO A 366 -2.64 6.78 -15.36
N ASN A 367 -3.86 6.76 -14.83
CA ASN A 367 -5.04 7.09 -15.61
C ASN A 367 -5.37 8.57 -15.60
N LEU A 368 -4.71 9.35 -14.74
CA LEU A 368 -4.96 10.78 -14.72
C LEU A 368 -4.34 11.45 -15.95
N HIS A 369 -4.74 12.69 -16.17
CA HIS A 369 -4.12 13.54 -17.18
C HIS A 369 -2.77 14.06 -16.71
N GLY A 370 -1.99 14.55 -17.65
CA GLY A 370 -0.67 15.09 -17.36
C GLY A 370 0.37 14.01 -17.24
N ASP A 371 1.59 14.43 -16.92
CA ASP A 371 2.72 13.52 -16.93
C ASP A 371 2.53 12.46 -15.86
N ILE A 372 2.73 11.19 -16.25
CA ILE A 372 2.47 10.10 -15.33
C ILE A 372 3.45 10.13 -14.15
N PHE A 373 4.71 10.47 -14.42
CA PHE A 373 5.70 10.49 -13.36
C PHE A 373 5.49 11.65 -12.40
N VAL A 374 5.13 12.82 -12.93
CA VAL A 374 4.79 13.95 -12.08
C VAL A 374 3.57 13.63 -11.23
N ASN A 375 2.55 13.01 -11.83
CA ASN A 375 1.36 12.66 -11.07
C ASN A 375 1.67 11.65 -9.97
N CYS A 376 2.50 10.66 -10.26
CA CYS A 376 2.88 9.70 -9.23
C CYS A 376 3.68 10.37 -8.11
N PHE A 377 4.60 11.26 -8.47
CA PHE A 377 5.34 11.98 -7.44
C PHE A 377 4.41 12.81 -6.57
N LEU A 378 3.51 13.57 -7.17
CA LEU A 378 2.57 14.37 -6.39
C LEU A 378 1.70 13.50 -5.49
N SER A 379 1.31 12.33 -5.98
CA SER A 379 0.52 11.42 -5.15
C SER A 379 1.33 10.94 -3.96
N ALA A 380 2.61 10.65 -4.16
CA ALA A 380 3.44 10.21 -3.04
C ALA A 380 3.68 11.35 -2.08
N MET A 381 3.84 12.57 -2.60
CA MET A 381 4.25 13.69 -1.77
C MET A 381 3.11 14.21 -0.91
N VAL A 382 1.87 14.14 -1.40
CA VAL A 382 0.76 14.66 -0.63
C VAL A 382 0.51 13.90 0.67
N GLU A 383 1.28 12.84 0.93
CA GLU A 383 1.07 12.07 2.16
C GLU A 383 1.80 12.66 3.36
N VAL A 384 2.96 13.27 3.15
CA VAL A 384 3.75 13.77 4.27
C VAL A 384 3.01 14.83 5.08
N PRO A 385 2.44 15.87 4.48
CA PRO A 385 1.63 16.79 5.29
C PRO A 385 0.37 16.14 5.80
N ALA A 386 -0.10 15.08 5.15
CA ALA A 386 -1.26 14.36 5.68
C ALA A 386 -0.91 13.66 6.98
N TYR A 387 0.30 13.10 7.07
CA TYR A 387 0.73 12.49 8.32
C TYR A 387 0.99 13.54 9.40
N VAL A 388 1.59 14.68 9.02
CA VAL A 388 1.84 15.72 10.01
C VAL A 388 0.52 16.24 10.57
N LEU A 389 -0.46 16.49 9.70
CA LEU A 389 -1.75 16.95 10.16
C LEU A 389 -2.45 15.90 11.00
N ALA A 390 -2.42 14.64 10.57
CA ALA A 390 -3.03 13.59 11.39
C ALA A 390 -2.43 13.58 12.78
N TRP A 391 -1.11 13.70 12.89
CA TRP A 391 -0.46 13.66 14.19
C TRP A 391 -0.88 14.84 15.06
N LEU A 392 -0.91 16.04 14.48
CA LEU A 392 -1.33 17.20 15.28
C LEU A 392 -2.78 17.10 15.70
N LEU A 393 -3.66 16.63 14.82
CA LEU A 393 -5.06 16.49 15.18
C LEU A 393 -5.23 15.47 16.29
N LEU A 394 -4.52 14.35 16.20
CA LEU A 394 -4.61 13.35 17.26
C LEU A 394 -4.10 13.92 18.57
N GLN A 395 -3.06 14.74 18.51
CA GLN A 395 -2.51 15.31 19.74
C GLN A 395 -3.49 16.27 20.41
N TYR A 396 -4.22 17.08 19.63
CA TYR A 396 -4.95 18.19 20.22
C TYR A 396 -6.47 18.18 20.06
N LEU A 397 -7.03 17.42 19.13
CA LEU A 397 -8.43 17.56 18.79
C LEU A 397 -9.17 16.24 18.94
N PRO A 398 -10.49 16.30 19.23
CA PRO A 398 -11.28 15.07 19.32
C PRO A 398 -11.25 14.29 18.02
N ARG A 399 -11.29 12.96 18.15
CA ARG A 399 -11.11 12.08 17.00
C ARG A 399 -12.34 12.06 16.10
N ARG A 400 -13.52 12.17 16.69
CA ARG A 400 -14.75 12.03 15.91
C ARG A 400 -14.90 13.15 14.88
N TYR A 401 -14.76 14.40 15.32
CA TYR A 401 -14.93 15.52 14.38
C TYR A 401 -13.78 15.57 13.38
N SER A 402 -12.57 15.23 13.84
CA SER A 402 -11.43 15.22 12.94
C SER A 402 -11.65 14.22 11.80
N MET A 403 -12.04 12.99 12.14
CA MET A 403 -12.13 11.97 11.11
C MET A 403 -13.38 12.15 10.26
N ALA A 404 -14.46 12.66 10.84
CA ALA A 404 -15.61 13.03 10.04
C ALA A 404 -15.25 14.09 9.01
N THR A 405 -14.48 15.11 9.41
CA THR A 405 -14.12 16.16 8.47
C THR A 405 -13.16 15.66 7.39
N ALA A 406 -12.14 14.90 7.78
CA ALA A 406 -11.19 14.40 6.78
C ALA A 406 -11.88 13.49 5.77
N LEU A 407 -12.75 12.59 6.24
CA LEU A 407 -13.47 11.73 5.30
C LEU A 407 -14.45 12.53 4.45
N PHE A 408 -15.17 13.50 5.02
CA PHE A 408 -16.09 14.29 4.22
C PHE A 408 -15.35 15.03 3.12
N LEU A 409 -14.19 15.60 3.42
CA LEU A 409 -13.38 16.24 2.39
C LEU A 409 -12.97 15.23 1.32
N GLY A 410 -12.34 14.14 1.75
CA GLY A 410 -11.84 13.16 0.79
C GLY A 410 -12.92 12.63 -0.13
N GLY A 411 -14.13 12.44 0.40
CA GLY A 411 -15.21 11.91 -0.42
C GLY A 411 -15.84 12.97 -1.31
N SER A 412 -16.19 14.12 -0.73
CA SER A 412 -16.87 15.14 -1.51
C SER A 412 -16.01 15.61 -2.67
N VAL A 413 -14.70 15.76 -2.45
CA VAL A 413 -13.86 16.30 -3.51
C VAL A 413 -13.92 15.42 -4.76
N LEU A 414 -13.96 14.11 -4.59
CA LEU A 414 -13.98 13.21 -5.74
C LEU A 414 -15.25 13.37 -6.56
N LEU A 415 -16.39 13.53 -5.91
CA LEU A 415 -17.66 13.61 -6.65
C LEU A 415 -17.66 14.78 -7.61
N PHE A 416 -16.84 15.80 -7.37
CA PHE A 416 -16.76 16.95 -8.26
C PHE A 416 -16.03 16.63 -9.56
N MET A 417 -15.36 15.48 -9.64
CA MET A 417 -14.53 15.18 -10.81
C MET A 417 -15.31 15.35 -12.11
N GLN A 418 -16.52 14.80 -12.17
CA GLN A 418 -17.26 14.82 -13.42
C GLN A 418 -17.67 16.23 -13.85
N LEU A 419 -17.60 17.21 -12.94
CA LEU A 419 -18.03 18.56 -13.26
C LEU A 419 -16.94 19.43 -13.85
N VAL A 420 -15.71 18.93 -13.92
CA VAL A 420 -14.58 19.73 -14.42
C VAL A 420 -14.63 19.75 -15.95
N PRO A 421 -14.68 20.92 -16.59
CA PRO A 421 -14.69 20.93 -18.05
C PRO A 421 -13.32 20.53 -18.58
N PRO A 422 -13.25 19.95 -19.79
CA PRO A 422 -11.96 19.48 -20.29
C PRO A 422 -10.91 20.57 -20.45
N ASP A 423 -11.32 21.81 -20.72
CA ASP A 423 -10.33 22.86 -20.92
C ASP A 423 -9.42 22.99 -19.71
N LEU A 424 -9.95 22.72 -18.53
CA LEU A 424 -9.23 22.93 -17.29
C LEU A 424 -8.96 21.58 -16.64
N TYR A 425 -8.67 20.58 -17.48
CA TYR A 425 -8.54 19.22 -16.99
C TYR A 425 -7.59 19.09 -15.80
N TYR A 426 -6.61 19.98 -15.70
CA TYR A 426 -5.66 19.91 -14.59
C TYR A 426 -6.31 20.09 -13.21
N LEU A 427 -7.48 20.71 -13.16
CA LEU A 427 -8.15 20.83 -11.87
C LEU A 427 -8.57 19.48 -11.34
N ALA A 428 -8.82 18.53 -12.24
CA ALA A 428 -9.23 17.22 -11.78
C ALA A 428 -8.10 16.59 -11.00
N THR A 429 -6.87 16.77 -11.48
CA THR A 429 -5.73 16.25 -10.75
C THR A 429 -5.62 16.92 -9.38
N VAL A 430 -5.85 18.23 -9.33
CA VAL A 430 -5.85 18.91 -8.04
C VAL A 430 -6.85 18.25 -7.11
N LEU A 431 -8.05 18.02 -7.62
CA LEU A 431 -9.08 17.40 -6.78
C LEU A 431 -8.63 16.03 -6.32
N VAL A 432 -8.03 15.25 -7.21
CA VAL A 432 -7.68 13.90 -6.83
C VAL A 432 -6.60 13.91 -5.79
N MET A 433 -5.69 14.89 -5.86
CA MET A 433 -4.66 14.93 -4.84
C MET A 433 -5.22 15.38 -3.52
N VAL A 434 -6.14 16.33 -3.54
CA VAL A 434 -6.79 16.71 -2.28
C VAL A 434 -7.61 15.54 -1.77
N GLY A 435 -8.19 14.77 -2.68
CA GLY A 435 -8.88 13.59 -2.25
C GLY A 435 -7.97 12.64 -1.52
N LYS A 436 -6.81 12.35 -2.11
CA LYS A 436 -5.91 11.43 -1.44
C LYS A 436 -5.34 12.02 -0.18
N PHE A 437 -5.16 13.35 -0.16
CA PHE A 437 -4.77 13.98 1.09
C PHE A 437 -5.74 13.65 2.20
N GLY A 438 -7.03 13.83 1.95
CA GLY A 438 -7.99 13.53 2.99
C GLY A 438 -7.94 12.08 3.39
N VAL A 439 -7.93 11.18 2.41
CA VAL A 439 -7.94 9.77 2.74
C VAL A 439 -6.70 9.41 3.56
N THR A 440 -5.56 9.98 3.21
CA THR A 440 -4.35 9.62 3.93
C THR A 440 -4.43 10.09 5.36
N ALA A 441 -4.94 11.31 5.58
CA ALA A 441 -5.10 11.76 6.94
C ALA A 441 -5.98 10.79 7.71
N ALA A 442 -7.16 10.47 7.17
CA ALA A 442 -8.04 9.54 7.87
C ALA A 442 -7.35 8.22 8.12
N PHE A 443 -6.58 7.74 7.14
CA PHE A 443 -5.94 6.44 7.33
C PHE A 443 -4.95 6.48 8.46
N SER A 444 -4.20 7.57 8.59
CA SER A 444 -3.29 7.66 9.72
C SER A 444 -4.04 7.74 11.06
N MET A 445 -5.14 8.48 11.11
CA MET A 445 -5.84 8.66 12.39
C MET A 445 -6.54 7.40 12.87
N VAL A 446 -7.07 6.58 11.96
CA VAL A 446 -7.89 5.46 12.41
C VAL A 446 -7.05 4.45 13.17
N TYR A 447 -5.77 4.32 12.82
CA TYR A 447 -4.93 3.36 13.53
C TYR A 447 -4.95 3.65 15.02
N VAL A 448 -5.01 4.92 15.39
CA VAL A 448 -5.00 5.27 16.80
C VAL A 448 -6.40 5.22 17.37
N TYR A 449 -7.37 5.76 16.62
CA TYR A 449 -8.73 5.84 17.15
C TYR A 449 -9.29 4.48 17.50
N THR A 450 -9.11 3.50 16.62
CA THR A 450 -9.63 2.17 16.90
C THR A 450 -8.95 1.57 18.11
N ALA A 451 -7.63 1.79 18.25
CA ALA A 451 -6.94 1.25 19.41
C ALA A 451 -7.46 1.87 20.69
N GLU A 452 -7.94 3.10 20.63
CA GLU A 452 -8.54 3.68 21.83
C GLU A 452 -9.93 3.14 22.10
N LEU A 453 -10.69 2.77 21.07
CA LEU A 453 -12.08 2.40 21.28
C LEU A 453 -12.22 1.07 22.02
N TYR A 454 -11.35 0.11 21.76
CA TYR A 454 -11.47 -1.19 22.39
C TYR A 454 -10.86 -1.21 23.79
N PRO A 455 -11.43 -2.00 24.69
CA PRO A 455 -10.82 -2.13 26.02
C PRO A 455 -9.59 -3.03 25.97
N THR A 456 -8.74 -2.87 26.98
CA THR A 456 -7.48 -3.59 27.01
C THR A 456 -7.67 -5.10 26.83
N VAL A 457 -8.69 -5.67 27.46
CA VAL A 457 -8.82 -7.14 27.50
C VAL A 457 -8.80 -7.73 26.10
N VAL A 458 -9.30 -6.98 25.12
CA VAL A 458 -9.39 -7.47 23.75
C VAL A 458 -8.84 -6.46 22.75
N ARG A 459 -8.09 -5.47 23.21
CA ARG A 459 -7.73 -4.37 22.33
C ARG A 459 -6.95 -4.83 21.11
N ASN A 460 -5.95 -5.67 21.34
CA ASN A 460 -5.13 -6.12 20.23
C ASN A 460 -5.97 -6.93 19.27
N MET A 461 -6.82 -7.80 19.81
CA MET A 461 -7.63 -8.63 18.94
C MET A 461 -8.52 -7.76 18.07
N GLY A 462 -9.14 -6.75 18.67
CA GLY A 462 -10.02 -5.92 17.88
C GLY A 462 -9.25 -5.16 16.82
N VAL A 463 -8.09 -4.62 17.18
CA VAL A 463 -7.32 -3.90 16.18
C VAL A 463 -6.92 -4.83 15.06
N GLY A 464 -6.57 -6.07 15.39
CA GLY A 464 -6.16 -6.98 14.35
C GLY A 464 -7.30 -7.31 13.42
N VAL A 465 -8.50 -7.47 13.97
CA VAL A 465 -9.63 -7.76 13.11
C VAL A 465 -9.85 -6.60 12.16
N SER A 466 -9.85 -5.38 12.69
CA SER A 466 -10.07 -4.23 11.82
C SER A 466 -8.94 -4.09 10.83
N SER A 467 -7.72 -4.40 11.24
CA SER A 467 -6.62 -4.31 10.30
C SER A 467 -6.77 -5.33 9.19
N THR A 468 -7.21 -6.54 9.54
CA THR A 468 -7.44 -7.52 8.48
C THR A 468 -8.52 -7.04 7.52
N ALA A 469 -9.56 -6.41 8.06
CA ALA A 469 -10.58 -5.84 7.18
C ALA A 469 -9.98 -4.85 6.20
N SER A 470 -9.12 -3.95 6.69
CA SER A 470 -8.51 -3.00 5.78
C SER A 470 -7.71 -3.72 4.72
N ARG A 471 -6.94 -4.71 5.13
CA ARG A 471 -6.13 -5.44 4.17
C ARG A 471 -6.99 -6.19 3.15
N LEU A 472 -8.15 -6.69 3.59
CA LEU A 472 -9.06 -7.30 2.64
C LEU A 472 -9.51 -6.27 1.61
N GLY A 473 -9.71 -5.05 2.04
CA GLY A 473 -10.17 -4.02 1.14
C GLY A 473 -9.19 -3.76 0.02
N SER A 474 -7.90 -3.84 0.32
CA SER A 474 -6.93 -3.57 -0.74
C SER A 474 -6.87 -4.67 -1.77
N ILE A 475 -7.41 -5.86 -1.46
CA ILE A 475 -7.54 -6.87 -2.50
C ILE A 475 -8.48 -6.38 -3.58
N LEU A 476 -9.55 -5.70 -3.19
CA LEU A 476 -10.49 -5.15 -4.14
C LEU A 476 -9.98 -3.89 -4.82
N SER A 477 -8.99 -3.21 -4.23
CA SER A 477 -8.66 -1.87 -4.72
C SER A 477 -8.25 -1.80 -6.19
N PRO A 478 -7.46 -2.74 -6.74
CA PRO A 478 -7.13 -2.63 -8.18
C PRO A 478 -8.31 -2.86 -9.12
N TYR A 479 -9.38 -3.50 -8.66
CA TYR A 479 -10.50 -3.72 -9.56
C TYR A 479 -11.32 -2.46 -9.73
N PHE A 480 -11.38 -1.61 -8.71
CA PHE A 480 -12.06 -0.34 -8.92
C PHE A 480 -11.32 0.44 -10.00
N VAL A 481 -10.00 0.34 -10.03
CA VAL A 481 -9.26 0.97 -11.12
C VAL A 481 -9.60 0.29 -12.44
N TYR A 482 -9.77 -1.03 -12.41
CA TYR A 482 -10.14 -1.73 -13.62
C TYR A 482 -11.43 -1.17 -14.21
N LEU A 483 -12.37 -0.73 -13.35
CA LEU A 483 -13.62 -0.21 -13.86
C LEU A 483 -13.45 1.06 -14.68
N GLY A 484 -12.29 1.70 -14.61
CA GLY A 484 -12.08 2.92 -15.37
C GLY A 484 -12.23 2.72 -16.87
N ALA A 485 -12.02 1.50 -17.35
CA ALA A 485 -12.17 1.24 -18.77
C ALA A 485 -13.64 1.27 -19.20
N TYR A 486 -14.53 0.72 -18.37
CA TYR A 486 -15.95 0.72 -18.71
C TYR A 486 -16.51 2.15 -18.69
N ASP A 487 -16.22 2.91 -17.64
CA ASP A 487 -16.65 4.30 -17.55
C ASP A 487 -15.61 5.08 -16.76
N ARG A 488 -15.14 6.20 -17.32
CA ARG A 488 -13.97 6.89 -16.78
C ARG A 488 -14.21 7.32 -15.33
N PHE A 489 -15.36 7.95 -15.07
CA PHE A 489 -15.60 8.53 -13.76
C PHE A 489 -16.21 7.57 -12.75
N LEU A 490 -16.64 6.39 -13.18
CA LEU A 490 -17.31 5.48 -12.25
C LEU A 490 -16.46 5.18 -11.02
N PRO A 491 -15.16 4.92 -11.13
CA PRO A 491 -14.38 4.66 -9.91
C PRO A 491 -14.46 5.79 -8.91
N TYR A 492 -14.41 7.04 -9.38
CA TYR A 492 -14.45 8.17 -8.45
C TYR A 492 -15.82 8.35 -7.84
N ILE A 493 -16.89 8.11 -8.62
CA ILE A 493 -18.22 8.18 -8.04
C ILE A 493 -18.35 7.16 -6.93
N LEU A 494 -17.91 5.92 -7.19
CA LEU A 494 -17.99 4.89 -6.17
C LEU A 494 -17.18 5.27 -4.93
N MET A 495 -15.92 5.67 -5.14
CA MET A 495 -15.08 5.99 -3.99
C MET A 495 -15.66 7.14 -3.19
N GLY A 496 -16.15 8.18 -3.87
CA GLY A 496 -16.69 9.33 -3.16
C GLY A 496 -17.94 8.98 -2.38
N SER A 497 -18.85 8.21 -2.98
CA SER A 497 -20.07 7.84 -2.27
C SER A 497 -19.75 6.98 -1.06
N LEU A 498 -18.88 5.99 -1.24
CA LEU A 498 -18.53 5.12 -0.13
C LEU A 498 -17.83 5.90 0.98
N THR A 499 -16.99 6.87 0.60
CA THR A 499 -16.29 7.67 1.60
C THR A 499 -17.25 8.57 2.36
N ILE A 500 -18.23 9.15 1.67
CA ILE A 500 -19.21 9.99 2.36
C ILE A 500 -20.00 9.15 3.35
N LEU A 501 -20.45 7.96 2.94
CA LEU A 501 -21.16 7.09 3.88
C LEU A 501 -20.28 6.72 5.07
N THR A 502 -18.99 6.49 4.84
CA THR A 502 -18.09 6.18 5.95
C THR A 502 -17.90 7.38 6.87
N ALA A 503 -17.89 8.59 6.30
CA ALA A 503 -17.79 9.79 7.12
C ALA A 503 -19.03 9.98 7.97
N ILE A 504 -20.20 9.66 7.41
CA ILE A 504 -21.42 9.73 8.22
C ILE A 504 -21.39 8.67 9.31
N LEU A 505 -20.90 7.49 8.99
CA LEU A 505 -20.79 6.42 9.99
C LEU A 505 -19.90 6.85 11.14
N THR A 506 -18.77 7.50 10.84
CA THR A 506 -17.80 7.80 11.88
C THR A 506 -18.41 8.62 13.02
N LEU A 507 -19.46 9.40 12.72
CA LEU A 507 -20.02 10.28 13.74
C LEU A 507 -20.80 9.52 14.80
N PHE A 508 -21.18 8.26 14.53
CA PHE A 508 -21.91 7.48 15.50
C PHE A 508 -21.00 6.75 16.48
N LEU A 509 -19.72 6.62 16.18
CA LEU A 509 -18.79 6.05 17.15
C LEU A 509 -18.71 6.94 18.39
N PRO A 510 -18.44 6.35 19.56
CA PRO A 510 -18.27 7.16 20.76
C PRO A 510 -16.95 7.91 20.76
N GLU A 511 -16.94 9.05 21.44
CA GLU A 511 -15.73 9.84 21.58
C GLU A 511 -14.85 9.27 22.68
N SER A 512 -13.54 9.27 22.44
CA SER A 512 -12.57 8.80 23.40
C SER A 512 -11.71 9.90 23.99
N PHE A 513 -11.56 11.03 23.30
CA PHE A 513 -10.60 12.04 23.70
C PHE A 513 -10.91 12.60 25.08
N GLY A 514 -9.88 12.71 25.90
CA GLY A 514 -9.99 13.31 27.22
C GLY A 514 -10.61 12.43 28.28
N THR A 515 -10.78 11.14 28.02
CA THR A 515 -11.36 10.22 28.99
C THR A 515 -10.43 9.05 29.19
N PRO A 516 -10.38 8.49 30.41
CA PRO A 516 -9.52 7.31 30.64
C PRO A 516 -9.88 6.19 29.69
N LEU A 517 -8.85 5.51 29.18
CA LEU A 517 -9.08 4.37 28.32
C LEU A 517 -9.69 3.22 29.11
N PRO A 518 -10.71 2.54 28.59
CA PRO A 518 -11.36 1.50 29.39
C PRO A 518 -10.49 0.26 29.52
N ASP A 519 -10.70 -0.48 30.60
CA ASP A 519 -9.95 -1.70 30.88
C ASP A 519 -10.75 -2.97 30.60
N THR A 520 -12.03 -2.98 30.96
CA THR A 520 -12.90 -4.12 30.75
C THR A 520 -14.09 -3.71 29.89
N ILE A 521 -14.67 -4.71 29.20
CA ILE A 521 -15.73 -4.42 28.25
C ILE A 521 -16.90 -3.71 28.91
N ASP A 522 -17.12 -3.96 30.20
CA ASP A 522 -18.22 -3.30 30.90
C ASP A 522 -18.03 -1.79 30.94
N GLN A 523 -16.77 -1.33 30.92
CA GLN A 523 -16.47 0.10 30.91
C GLN A 523 -16.43 0.70 29.52
N MET A 524 -16.58 -0.10 28.47
CA MET A 524 -16.47 0.43 27.12
C MET A 524 -17.55 1.48 26.88
N LEU A 525 -17.19 2.50 26.10
CA LEU A 525 -18.11 3.58 25.79
C LEU A 525 -19.26 3.10 24.90
N ARG A 526 -20.39 3.78 25.01
CA ARG A 526 -21.61 3.43 24.28
C ARG A 526 -21.70 4.19 22.96
N VAL A 527 -22.19 3.49 21.94
CA VAL A 527 -22.36 4.08 20.62
C VAL A 527 -23.56 5.02 20.64
N LYS A 528 -23.47 6.09 19.88
CA LYS A 528 -24.54 7.09 19.82
C LYS A 528 -25.81 6.46 19.26
#